data_8DPZ
#
_entry.id   8DPZ
#
_cell.length_a   1.00
_cell.length_b   1.00
_cell.length_c   1.00
_cell.angle_alpha   90.00
_cell.angle_beta   90.00
_cell.angle_gamma   90.00
#
_symmetry.space_group_name_H-M   'P 1'
#
loop_
_entity.id
_entity.type
_entity.pdbx_description
1 polymer 'Spike protein S1'
2 polymer 'DH1338  Fab Heavy Chain'
3 polymer 'DH1338 Fab Light Chain'
4 branched 2-acetamido-2-deoxy-beta-D-glucopyranose-(1-4)-2-acetamido-2-deoxy-beta-D-glucopyranose
#
loop_
_entity_poly.entity_id
_entity_poly.type
_entity_poly.pdbx_seq_one_letter_code
_entity_poly.pdbx_strand_id
1 'polypeptide(L)'
;IVRFPNITNLCPFGEVFNATRFASVYAWNRKRISNCVADYSVLYNSASFSTFKCYGVSPTKLNDLCFTNVYADSFVIRGD
EVRQIAPGQTGKIADYNYKLPDDFTGCVIAWNSNNLDSKVGGNYNYLYRLFRKSNLKPFERDISTEIYQAGSTPCNGVEG
FNCYFPLQSYGFQPTNGVGYQPYRVVVLSFELLHAPATVCGPKKS
;
B
2 'polypeptide(L)'
;QLQLQESGPGLVKPSETLSLTCAVSGGSISRKNWSWIRQPPGKGLGWIGRISGSGGSTDYNPSLKSRVTISTDTSKNQFS
LKLSSVTAADTAVYYCARVAYYEDDYGYYYTEGAFDFWGQGLRVTVSS
;
F
3 'polypeptide(L)'
;EIVMTQSPATLSLSPGERATLSCRTSQSVSSYVAWYQQKPEQTPRLLIYDASSRATGIPDRFSGGGSGTDFTLTISSLEP
EDFAVYYCQQYSNWPWTFGQGTKVEIK
;
G
#
loop_
_chem_comp.id
_chem_comp.type
_chem_comp.name
_chem_comp.formula
NAG D-saccharide, beta linking 2-acetamido-2-deoxy-beta-D-glucopyranose 'C8 H15 N O6'
#
# COMPACT_ATOMS: atom_id res chain seq x y z
N THR A 8 24.18 17.65 26.05
CA THR A 8 22.97 16.91 25.75
C THR A 8 22.91 16.57 24.26
N ASN A 9 22.62 15.31 23.94
CA ASN A 9 22.77 14.79 22.59
C ASN A 9 21.46 14.21 22.08
N LEU A 10 21.43 13.91 20.78
CA LEU A 10 20.32 13.24 20.17
C LEU A 10 20.48 11.72 20.25
N CYS A 11 19.39 11.01 20.02
CA CYS A 11 19.27 9.59 20.31
C CYS A 11 19.98 8.72 19.27
N PRO A 12 20.25 7.44 19.60
CA PRO A 12 20.89 6.55 18.62
C PRO A 12 19.98 6.00 17.53
N PHE A 13 18.87 6.69 17.23
CA PHE A 13 17.93 6.28 16.19
C PHE A 13 18.55 6.14 14.81
N GLY A 14 19.72 6.76 14.57
CA GLY A 14 20.41 6.58 13.31
C GLY A 14 20.81 5.15 13.04
N GLU A 15 21.42 4.48 14.02
CA GLU A 15 21.83 3.10 13.80
C GLU A 15 20.74 2.09 14.13
N VAL A 16 19.62 2.53 14.72
CA VAL A 16 18.47 1.63 14.86
C VAL A 16 17.82 1.39 13.51
N PHE A 17 17.67 2.45 12.71
CA PHE A 17 16.97 2.35 11.44
C PHE A 17 17.90 2.03 10.26
N ASN A 18 19.14 2.51 10.29
CA ASN A 18 20.06 2.34 9.17
C ASN A 18 21.09 1.26 9.42
N ALA A 19 20.76 0.24 10.22
CA ALA A 19 21.69 -0.84 10.48
C ALA A 19 21.82 -1.74 9.24
N THR A 20 23.03 -2.26 9.04
CA THR A 20 23.30 -3.05 7.85
C THR A 20 22.74 -4.46 7.92
N ARG A 21 22.32 -4.92 9.11
CA ARG A 21 21.77 -6.25 9.26
C ARG A 21 20.74 -6.24 10.39
N PHE A 22 19.49 -6.46 10.04
CA PHE A 22 18.45 -6.72 11.04
C PHE A 22 18.34 -8.21 11.31
N ALA A 23 17.93 -8.54 12.54
CA ALA A 23 17.80 -9.92 12.94
C ALA A 23 16.50 -10.52 12.41
N SER A 24 16.35 -11.82 12.63
CA SER A 24 15.14 -12.52 12.21
C SER A 24 13.98 -12.16 13.13
N VAL A 25 12.77 -12.54 12.71
CA VAL A 25 11.57 -12.22 13.48
C VAL A 25 11.50 -13.06 14.77
N TYR A 26 11.99 -14.31 14.74
CA TYR A 26 11.91 -15.14 15.94
C TYR A 26 12.95 -14.74 16.97
N ALA A 27 14.16 -14.42 16.53
CA ALA A 27 15.19 -13.86 17.41
C ALA A 27 15.25 -12.34 17.26
N TRP A 28 14.11 -11.71 17.57
CA TRP A 28 13.93 -10.29 17.29
C TRP A 28 14.79 -9.43 18.19
N ASN A 29 15.48 -8.46 17.61
CA ASN A 29 16.40 -7.62 18.33
C ASN A 29 15.66 -6.63 19.21
N ARG A 30 16.32 -6.18 20.26
CA ARG A 30 15.74 -5.22 21.19
C ARG A 30 16.86 -4.41 21.82
N LYS A 31 16.75 -3.08 21.73
CA LYS A 31 17.68 -2.20 22.42
C LYS A 31 16.90 -1.07 23.06
N ARG A 32 17.52 -0.48 24.08
CA ARG A 32 16.89 0.56 24.89
C ARG A 32 17.68 1.85 24.74
N ILE A 33 16.97 2.95 24.49
CA ILE A 33 17.54 4.28 24.59
C ILE A 33 17.19 4.83 25.97
N SER A 34 18.15 5.50 26.60
CA SER A 34 18.05 5.74 28.04
C SER A 34 17.94 7.21 28.41
N ASN A 35 18.90 8.04 27.99
CA ASN A 35 18.99 9.40 28.50
C ASN A 35 18.83 10.48 27.44
N CYS A 36 18.80 10.11 26.17
CA CYS A 36 18.93 11.11 25.12
C CYS A 36 17.61 11.79 24.81
N VAL A 37 17.72 13.03 24.33
CA VAL A 37 16.58 13.73 23.76
C VAL A 37 16.26 13.12 22.40
N ALA A 38 15.01 12.71 22.20
CA ALA A 38 14.60 11.99 21.02
C ALA A 38 13.78 12.88 20.10
N ASP A 39 14.14 12.91 18.83
CA ASP A 39 13.44 13.70 17.81
C ASP A 39 12.52 12.75 17.05
N TYR A 40 11.30 12.60 17.55
CA TYR A 40 10.35 11.69 16.91
C TYR A 40 9.76 12.29 15.63
N SER A 41 9.65 13.61 15.55
CA SER A 41 8.95 14.23 14.43
C SER A 41 9.74 14.19 13.13
N VAL A 42 11.06 14.01 13.20
CA VAL A 42 11.84 13.82 11.97
C VAL A 42 11.53 12.46 11.36
N LEU A 43 11.35 11.44 12.20
CA LEU A 43 10.94 10.13 11.71
C LEU A 43 9.52 10.14 11.15
N TYR A 44 8.64 10.96 11.72
CA TYR A 44 7.27 11.03 11.23
C TYR A 44 7.22 11.68 9.85
N ASN A 45 8.05 12.69 9.62
CA ASN A 45 8.07 13.41 8.34
C ASN A 45 9.09 12.86 7.36
N SER A 46 9.50 11.60 7.53
CA SER A 46 10.36 10.97 6.54
C SER A 46 9.54 10.47 5.36
N ALA A 47 10.19 10.38 4.21
CA ALA A 47 9.55 9.96 2.97
C ALA A 47 9.82 8.50 2.63
N SER A 48 10.42 7.74 3.55
CA SER A 48 10.80 6.37 3.28
C SER A 48 9.88 5.33 3.90
N PHE A 49 9.08 5.70 4.89
CA PHE A 49 8.28 4.74 5.64
C PHE A 49 6.95 4.50 4.93
N SER A 50 6.67 3.22 4.64
CA SER A 50 5.39 2.86 4.03
C SER A 50 4.25 2.98 5.04
N THR A 51 4.44 2.43 6.23
CA THR A 51 3.43 2.53 7.28
C THR A 51 4.05 3.10 8.55
N PHE A 52 3.27 3.94 9.22
CA PHE A 52 3.65 4.53 10.51
C PHE A 52 2.37 4.52 11.33
N LYS A 53 2.13 3.42 12.04
CA LYS A 53 0.95 3.29 12.88
C LYS A 53 1.34 3.62 14.32
N CYS A 54 0.39 4.19 15.07
CA CYS A 54 0.63 4.49 16.47
C CYS A 54 -0.59 4.11 17.29
N TYR A 55 -0.35 3.57 18.48
CA TYR A 55 -1.41 3.10 19.36
C TYR A 55 -1.21 3.73 20.72
N GLY A 56 -2.25 4.39 21.23
CA GLY A 56 -2.21 5.00 22.55
C GLY A 56 -1.75 6.44 22.60
N VAL A 57 -0.73 6.79 21.79
CA VAL A 57 -0.21 8.14 21.75
C VAL A 57 -0.27 8.65 20.31
N SER A 58 -0.62 9.91 20.15
CA SER A 58 -0.65 10.53 18.83
C SER A 58 0.77 10.86 18.38
N PRO A 59 1.12 10.58 17.13
CA PRO A 59 2.51 10.81 16.68
C PRO A 59 2.88 12.29 16.56
N THR A 60 1.91 13.19 16.41
CA THR A 60 2.22 14.61 16.41
C THR A 60 2.45 15.13 17.81
N LYS A 61 1.68 14.63 18.79
CA LYS A 61 1.86 14.99 20.19
C LYS A 61 3.08 14.30 20.79
N LEU A 62 3.62 13.28 20.11
CA LEU A 62 4.72 12.48 20.61
C LEU A 62 6.02 13.27 20.76
N ASN A 63 6.16 14.39 20.05
CA ASN A 63 7.35 15.21 20.16
C ASN A 63 7.39 16.04 21.43
N ASP A 64 6.29 16.12 22.18
CA ASP A 64 6.26 16.90 23.41
C ASP A 64 5.75 16.03 24.57
N LEU A 65 6.09 14.75 24.55
CA LEU A 65 5.79 13.83 25.63
C LEU A 65 7.09 13.24 26.16
N CYS A 66 7.25 13.25 27.48
CA CYS A 66 8.42 12.69 28.13
C CYS A 66 8.09 11.34 28.74
N PHE A 67 9.02 10.39 28.63
CA PHE A 67 8.84 9.03 29.09
C PHE A 67 9.98 8.66 30.03
N THR A 68 9.94 7.43 30.53
CA THR A 68 11.02 6.92 31.38
C THR A 68 12.11 6.25 30.57
N ASN A 69 11.74 5.36 29.65
CA ASN A 69 12.69 4.74 28.72
C ASN A 69 11.91 4.23 27.53
N VAL A 70 12.59 4.11 26.40
CA VAL A 70 11.98 3.77 25.12
C VAL A 70 12.74 2.61 24.52
N TYR A 71 12.03 1.58 24.08
CA TYR A 71 12.62 0.43 23.43
C TYR A 71 12.53 0.57 21.91
N ALA A 72 13.18 -0.36 21.21
CA ALA A 72 13.18 -0.34 19.75
C ALA A 72 13.39 -1.78 19.28
N ASP A 73 12.31 -2.40 18.81
CA ASP A 73 12.32 -3.80 18.40
C ASP A 73 12.39 -3.86 16.87
N SER A 74 13.50 -4.33 16.33
CA SER A 74 13.75 -4.29 14.89
C SER A 74 13.96 -5.70 14.36
N PHE A 75 13.26 -6.01 13.26
CA PHE A 75 13.33 -7.33 12.63
C PHE A 75 12.79 -7.22 11.21
N VAL A 76 12.92 -8.32 10.46
CA VAL A 76 12.57 -8.37 9.05
C VAL A 76 11.37 -9.30 8.88
N ILE A 77 10.32 -8.80 8.22
CA ILE A 77 9.05 -9.49 8.07
C ILE A 77 8.62 -9.36 6.61
N ARG A 78 7.73 -10.24 6.17
CA ARG A 78 7.20 -10.15 4.82
C ARG A 78 6.22 -8.99 4.70
N GLY A 79 5.84 -8.68 3.46
CA GLY A 79 4.97 -7.54 3.22
C GLY A 79 3.53 -7.79 3.59
N ASP A 80 3.07 -9.03 3.46
CA ASP A 80 1.70 -9.39 3.78
C ASP A 80 1.50 -9.46 5.30
N GLU A 81 2.58 -9.58 6.06
CA GLU A 81 2.54 -9.92 7.46
C GLU A 81 2.82 -8.73 8.38
N VAL A 82 2.96 -7.52 7.82
CA VAL A 82 3.10 -6.31 8.65
C VAL A 82 1.80 -6.01 9.38
N ARG A 83 0.67 -6.44 8.83
CA ARG A 83 -0.63 -6.26 9.47
C ARG A 83 -0.74 -7.04 10.78
N GLN A 84 0.02 -8.14 10.91
CA GLN A 84 0.02 -8.91 12.16
C GLN A 84 0.74 -8.21 13.29
N ILE A 85 1.56 -7.20 13.00
CA ILE A 85 2.26 -6.45 14.06
C ILE A 85 1.31 -5.31 14.44
N ALA A 86 0.35 -5.65 15.30
CA ALA A 86 -0.66 -4.72 15.80
C ALA A 86 -1.28 -5.33 17.04
N PRO A 87 -1.78 -4.53 17.98
CA PRO A 87 -2.38 -5.09 19.19
C PRO A 87 -3.69 -5.80 18.90
N GLY A 88 -3.72 -7.10 19.17
CA GLY A 88 -4.94 -7.88 19.06
C GLY A 88 -5.10 -8.71 17.80
N GLN A 89 -4.09 -8.79 16.95
CA GLN A 89 -4.18 -9.61 15.75
C GLN A 89 -3.62 -11.00 16.00
N THR A 90 -3.92 -11.91 15.06
CA THR A 90 -3.48 -13.28 15.13
C THR A 90 -2.94 -13.72 13.78
N GLY A 91 -2.13 -14.76 13.79
CA GLY A 91 -1.49 -15.25 12.59
C GLY A 91 -0.29 -16.12 12.96
N LYS A 92 0.58 -16.32 11.97
CA LYS A 92 1.77 -17.14 12.21
C LYS A 92 2.81 -16.40 13.04
N ILE A 93 3.00 -15.11 12.76
CA ILE A 93 3.98 -14.33 13.50
C ILE A 93 3.38 -13.66 14.73
N ALA A 94 2.11 -13.25 14.66
CA ALA A 94 1.45 -12.64 15.82
C ALA A 94 1.28 -13.64 16.96
N ASP A 95 1.20 -14.93 16.67
CA ASP A 95 1.13 -15.93 17.72
C ASP A 95 2.50 -16.47 18.11
N TYR A 96 3.29 -16.92 17.12
CA TYR A 96 4.46 -17.74 17.41
C TYR A 96 5.79 -16.99 17.37
N ASN A 97 5.83 -15.76 16.85
CA ASN A 97 7.10 -15.08 16.66
C ASN A 97 7.20 -13.78 17.45
N TYR A 98 6.22 -12.90 17.35
CA TYR A 98 6.26 -11.63 18.07
C TYR A 98 4.84 -11.24 18.46
N LYS A 99 4.60 -11.11 19.75
CA LYS A 99 3.27 -10.82 20.29
C LYS A 99 3.29 -9.44 20.95
N LEU A 100 2.32 -8.61 20.61
CA LEU A 100 2.09 -7.29 21.15
C LEU A 100 0.97 -7.31 22.18
N PRO A 101 1.06 -6.53 23.25
CA PRO A 101 -0.02 -6.52 24.24
C PRO A 101 -1.23 -5.75 23.73
N ASP A 102 -2.37 -6.03 24.37
CA ASP A 102 -3.61 -5.36 23.99
C ASP A 102 -3.61 -3.89 24.39
N ASP A 103 -3.05 -3.58 25.56
CA ASP A 103 -2.92 -2.19 25.99
C ASP A 103 -1.58 -1.60 25.58
N PHE A 104 -1.28 -1.70 24.29
CA PHE A 104 -0.02 -1.23 23.74
C PHE A 104 -0.01 0.29 23.68
N THR A 105 1.15 0.89 24.00
CA THR A 105 1.29 2.34 24.01
C THR A 105 2.41 2.81 23.10
N GLY A 106 2.70 2.06 22.05
CA GLY A 106 3.81 2.41 21.18
C GLY A 106 3.44 2.68 19.74
N CYS A 107 4.43 2.64 18.85
CA CYS A 107 4.25 2.92 17.43
C CYS A 107 4.96 1.88 16.60
N VAL A 108 4.39 1.56 15.43
CA VAL A 108 4.95 0.57 14.52
C VAL A 108 5.35 1.28 13.23
N ILE A 109 6.64 1.16 12.88
CA ILE A 109 7.22 1.82 11.71
C ILE A 109 7.80 0.75 10.80
N ALA A 110 7.47 0.81 9.52
CA ALA A 110 7.98 -0.19 8.58
C ALA A 110 8.16 0.43 7.20
N TRP A 111 8.96 -0.25 6.37
CA TRP A 111 9.24 0.20 5.02
C TRP A 111 9.69 -0.98 4.18
N ASN A 112 9.59 -0.83 2.86
CA ASN A 112 10.02 -1.86 1.93
C ASN A 112 11.53 -1.88 1.83
N SER A 113 12.10 -3.08 1.71
CA SER A 113 13.55 -3.25 1.59
C SER A 113 13.88 -4.32 0.55
N ASN A 114 13.22 -4.25 -0.60
CA ASN A 114 13.46 -5.24 -1.65
C ASN A 114 14.81 -5.05 -2.31
N ASN A 115 15.27 -3.80 -2.45
CA ASN A 115 16.55 -3.54 -3.09
C ASN A 115 17.73 -3.87 -2.20
N LEU A 116 17.52 -3.98 -0.88
CA LEU A 116 18.59 -4.18 0.08
C LEU A 116 18.65 -5.59 0.66
N ASP A 117 17.51 -6.18 1.03
CA ASP A 117 17.51 -7.46 1.71
C ASP A 117 17.35 -8.65 0.77
N SER A 118 16.79 -8.45 -0.41
CA SER A 118 16.58 -9.57 -1.31
C SER A 118 17.85 -9.89 -2.10
N LYS A 119 17.89 -11.10 -2.65
CA LYS A 119 19.02 -11.57 -3.43
C LYS A 119 18.48 -12.28 -4.66
N VAL A 120 19.22 -12.16 -5.78
CA VAL A 120 18.79 -12.74 -7.04
C VAL A 120 18.77 -14.27 -6.98
N GLY A 121 19.68 -14.88 -6.22
CA GLY A 121 19.67 -16.31 -6.01
C GLY A 121 18.84 -16.78 -4.83
N GLY A 122 18.10 -15.87 -4.20
CA GLY A 122 17.32 -16.23 -3.03
C GLY A 122 18.06 -15.95 -1.74
N ASN A 123 17.44 -15.25 -0.81
CA ASN A 123 18.03 -14.91 0.48
C ASN A 123 17.30 -15.69 1.56
N TYR A 124 17.94 -16.74 2.07
CA TYR A 124 17.36 -17.61 3.08
C TYR A 124 17.90 -17.32 4.47
N ASN A 125 18.53 -16.17 4.67
CA ASN A 125 19.18 -15.82 5.94
C ASN A 125 18.22 -15.15 6.92
N TYR A 126 16.91 -15.24 6.69
CA TYR A 126 15.90 -14.77 7.62
C TYR A 126 14.97 -15.92 7.94
N LEU A 127 14.65 -16.09 9.23
CA LEU A 127 13.94 -17.27 9.69
C LEU A 127 12.72 -16.87 10.50
N TYR A 128 11.70 -17.74 10.49
CA TYR A 128 10.51 -17.56 11.29
C TYR A 128 10.11 -18.91 11.88
N ARG A 129 9.43 -18.85 13.04
CA ARG A 129 9.03 -20.05 13.75
C ARG A 129 7.71 -20.56 13.19
N LEU A 130 7.74 -21.72 12.54
CA LEU A 130 6.55 -22.25 11.90
C LEU A 130 5.70 -23.07 12.87
N PHE A 131 6.31 -23.71 13.87
CA PHE A 131 5.60 -24.58 14.79
C PHE A 131 5.97 -24.23 16.23
N ARG A 132 4.96 -24.13 17.08
CA ARG A 132 5.14 -24.05 18.53
C ARG A 132 3.90 -24.62 19.19
N LYS A 133 4.08 -25.21 20.38
CA LYS A 133 2.97 -25.84 21.08
C LYS A 133 1.95 -24.83 21.59
N SER A 134 2.34 -23.57 21.78
CA SER A 134 1.42 -22.56 22.28
C SER A 134 1.88 -21.19 21.80
N ASN A 135 0.93 -20.26 21.80
CA ASN A 135 1.24 -18.88 21.43
C ASN A 135 2.00 -18.17 22.56
N LEU A 136 2.52 -17.00 22.24
CA LEU A 136 3.42 -16.29 23.15
C LEU A 136 2.67 -15.33 24.05
N LYS A 137 3.26 -15.10 25.23
CA LYS A 137 2.90 -13.96 26.05
C LYS A 137 3.43 -12.70 25.40
N PRO A 138 2.89 -11.52 25.74
CA PRO A 138 3.39 -10.27 25.14
C PRO A 138 4.85 -10.01 25.46
N PHE A 139 5.59 -9.58 24.43
CA PHE A 139 7.02 -9.25 24.48
C PHE A 139 7.86 -10.42 24.98
N GLU A 140 7.59 -11.61 24.46
CA GLU A 140 8.39 -12.79 24.76
C GLU A 140 9.30 -13.10 23.59
N ARG A 141 10.47 -13.68 23.89
CA ARG A 141 11.42 -14.10 22.88
C ARG A 141 11.86 -15.52 23.18
N ASP A 142 12.12 -16.29 22.13
CA ASP A 142 12.67 -17.62 22.30
C ASP A 142 13.64 -17.97 21.19
N ILE A 143 14.54 -18.89 21.48
CA ILE A 143 15.38 -19.56 20.49
C ILE A 143 15.31 -21.05 20.77
N SER A 144 14.86 -21.82 19.79
CA SER A 144 14.66 -23.24 19.98
C SER A 144 15.21 -24.01 18.79
N THR A 145 15.51 -25.28 19.03
CA THR A 145 16.09 -26.15 18.00
C THR A 145 15.42 -27.53 17.97
N GLU A 146 14.69 -27.93 19.01
CA GLU A 146 14.20 -29.29 19.13
C GLU A 146 13.09 -29.59 18.14
N ILE A 147 12.96 -30.88 17.80
CA ILE A 147 12.02 -31.32 16.79
C ILE A 147 10.61 -31.28 17.35
N TYR A 148 9.69 -30.68 16.60
CA TYR A 148 8.29 -30.64 17.00
C TYR A 148 7.65 -32.02 16.88
N GLN A 149 6.58 -32.22 17.63
CA GLN A 149 5.86 -33.50 17.66
C GLN A 149 5.05 -33.63 16.37
N ALA A 150 5.60 -34.39 15.42
CA ALA A 150 4.92 -34.62 14.14
C ALA A 150 3.80 -35.64 14.31
N TYR A 164 8.81 -31.71 13.62
CA TYR A 164 9.39 -30.88 12.58
C TYR A 164 10.37 -29.87 13.14
N PHE A 165 11.30 -29.43 12.31
CA PHE A 165 12.19 -28.33 12.67
C PHE A 165 11.38 -27.05 12.63
N PRO A 166 11.23 -26.33 13.76
CA PRO A 166 10.28 -25.20 13.77
C PRO A 166 10.75 -23.98 12.98
N LEU A 167 12.05 -23.80 12.81
CA LEU A 167 12.55 -22.64 12.06
C LEU A 167 12.52 -22.94 10.57
N GLN A 168 11.99 -21.99 9.80
CA GLN A 168 11.92 -22.10 8.35
C GLN A 168 12.38 -20.78 7.74
N SER A 169 12.98 -20.87 6.56
CA SER A 169 13.52 -19.69 5.89
C SER A 169 12.49 -19.09 4.94
N TYR A 170 12.60 -17.78 4.71
CA TYR A 170 11.67 -17.08 3.84
C TYR A 170 11.94 -17.38 2.36
N GLY A 171 13.11 -16.98 1.88
CA GLY A 171 13.42 -17.10 0.46
C GLY A 171 13.06 -15.85 -0.32
N PHE A 172 13.57 -14.70 0.12
CA PHE A 172 13.28 -13.44 -0.55
C PHE A 172 13.96 -13.37 -1.92
N GLN A 173 13.33 -12.62 -2.83
CA GLN A 173 13.80 -12.49 -4.20
C GLN A 173 13.19 -11.24 -4.78
N PRO A 174 13.94 -10.45 -5.58
CA PRO A 174 13.35 -9.22 -6.16
C PRO A 174 12.26 -9.49 -7.18
N THR A 175 12.18 -10.68 -7.75
CA THR A 175 11.14 -11.01 -8.72
C THR A 175 9.78 -11.13 -8.04
N ASN A 176 9.77 -11.52 -6.76
CA ASN A 176 8.55 -11.83 -6.03
C ASN A 176 7.68 -10.59 -5.82
N GLY A 177 6.40 -10.83 -5.53
CA GLY A 177 5.44 -9.77 -5.37
C GLY A 177 5.60 -9.02 -4.06
N VAL A 178 4.74 -8.01 -3.89
CA VAL A 178 4.82 -7.13 -2.73
C VAL A 178 4.48 -7.88 -1.44
N GLY A 179 3.63 -8.90 -1.53
CA GLY A 179 3.35 -9.72 -0.36
C GLY A 179 4.53 -10.57 0.09
N TYR A 180 5.45 -10.88 -0.83
CA TYR A 180 6.61 -11.70 -0.52
C TYR A 180 7.91 -10.91 -0.56
N GLN A 181 7.84 -9.58 -0.50
CA GLN A 181 9.02 -8.75 -0.43
C GLN A 181 9.40 -8.45 1.02
N PRO A 182 10.69 -8.37 1.34
CA PRO A 182 11.10 -8.16 2.73
C PRO A 182 10.82 -6.75 3.20
N TYR A 183 10.20 -6.64 4.37
CA TYR A 183 9.87 -5.35 4.99
C TYR A 183 10.59 -5.26 6.32
N ARG A 184 11.43 -4.25 6.48
CA ARG A 184 12.07 -3.99 7.76
C ARG A 184 11.14 -3.18 8.63
N VAL A 185 10.94 -3.63 9.87
CA VAL A 185 9.94 -3.03 10.76
C VAL A 185 10.58 -2.74 12.12
N VAL A 186 10.28 -1.57 12.66
CA VAL A 186 10.81 -1.11 13.95
C VAL A 186 9.64 -0.72 14.83
N VAL A 187 9.60 -1.26 16.05
CA VAL A 187 8.52 -1.02 16.99
C VAL A 187 9.08 -0.25 18.19
N LEU A 188 8.57 0.96 18.42
CA LEU A 188 9.03 1.81 19.52
C LEU A 188 8.01 1.75 20.64
N SER A 189 8.25 0.88 21.62
CA SER A 189 7.32 0.68 22.73
C SER A 189 7.75 1.57 23.90
N PHE A 190 7.04 2.68 24.08
CA PHE A 190 7.35 3.60 25.17
C PHE A 190 6.89 3.04 26.51
N GLU A 191 7.56 3.48 27.58
CA GLU A 191 7.22 3.09 28.94
C GLU A 191 7.09 4.35 29.80
N LEU A 192 6.47 4.17 30.98
CA LEU A 192 6.35 5.25 31.95
C LEU A 192 6.29 4.63 33.34
N LEU A 193 7.44 4.58 34.00
CA LEU A 193 7.55 4.04 35.35
C LEU A 193 7.43 5.18 36.35
N HIS A 194 7.79 4.93 37.62
CA HIS A 194 7.93 5.97 38.63
C HIS A 194 9.34 6.55 38.69
N ALA A 195 10.25 6.07 37.85
CA ALA A 195 11.58 6.65 37.70
C ALA A 195 11.47 8.03 37.07
N PRO A 196 12.48 8.90 37.24
CA PRO A 196 12.41 10.23 36.63
C PRO A 196 12.47 10.19 35.11
N ALA A 197 11.90 11.23 34.50
CA ALA A 197 11.72 11.29 33.05
C ALA A 197 13.02 11.72 32.38
N THR A 198 13.49 10.91 31.44
CA THR A 198 14.74 11.18 30.75
C THR A 198 14.52 11.49 29.28
N VAL A 199 13.80 10.64 28.54
CA VAL A 199 13.67 10.79 27.10
C VAL A 199 12.58 11.80 26.79
N CYS A 200 12.98 13.06 26.68
CA CYS A 200 12.05 14.14 26.37
C CYS A 200 12.21 14.56 24.91
N GLY A 201 11.20 15.24 24.39
CA GLY A 201 11.29 15.87 23.10
C GLY A 201 12.18 17.10 23.13
N PRO A 202 12.69 17.52 21.98
CA PRO A 202 13.51 18.74 21.93
C PRO A 202 12.71 19.97 22.26
N LYS A 203 13.12 20.67 23.31
CA LYS A 203 12.50 21.93 23.67
C LYS A 203 12.92 22.98 22.66
N LYS A 204 11.98 23.86 22.31
CA LYS A 204 12.12 24.71 21.13
C LYS A 204 12.68 26.07 21.51
N SER A 205 13.78 26.45 20.88
CA SER A 205 14.39 27.75 21.11
C SER A 205 13.54 28.87 20.52
N GLN B 1 -9.44 20.93 -0.91
CA GLN B 1 -9.13 19.51 -1.05
C GLN B 1 -8.34 19.26 -2.33
N LEU B 2 -7.78 18.06 -2.45
CA LEU B 2 -6.95 17.72 -3.59
C LEU B 2 -7.81 17.52 -4.84
N GLN B 3 -7.34 18.07 -5.96
CA GLN B 3 -8.04 17.99 -7.23
C GLN B 3 -7.04 17.77 -8.34
N LEU B 4 -7.40 16.91 -9.29
CA LEU B 4 -6.56 16.62 -10.45
C LEU B 4 -7.32 17.02 -11.72
N GLN B 5 -6.64 17.71 -12.63
CA GLN B 5 -7.23 18.13 -13.89
C GLN B 5 -6.21 17.95 -14.99
N GLU B 6 -6.65 17.42 -16.12
CA GLU B 6 -5.76 17.18 -17.25
C GLU B 6 -5.70 18.40 -18.16
N SER B 7 -4.66 18.42 -18.99
CA SER B 7 -4.50 19.46 -20.00
C SER B 7 -3.73 18.87 -21.17
N GLY B 8 -4.28 18.98 -22.37
CA GLY B 8 -3.63 18.47 -23.54
C GLY B 8 -4.48 18.61 -24.79
N PRO B 9 -3.90 18.31 -25.95
CA PRO B 9 -4.65 18.42 -27.21
C PRO B 9 -5.61 17.26 -27.40
N GLY B 10 -6.84 17.60 -27.81
CA GLY B 10 -7.86 16.58 -28.02
C GLY B 10 -7.70 15.80 -29.31
N LEU B 11 -6.95 16.33 -30.28
CA LEU B 11 -6.73 15.66 -31.55
C LEU B 11 -5.23 15.57 -31.81
N VAL B 12 -4.74 14.35 -32.00
CA VAL B 12 -3.34 14.09 -32.29
C VAL B 12 -3.26 13.29 -33.57
N LYS B 13 -2.54 13.82 -34.57
CA LYS B 13 -2.36 13.11 -35.81
C LYS B 13 -1.41 11.92 -35.61
N PRO B 14 -1.58 10.84 -36.38
CA PRO B 14 -0.75 9.65 -36.20
C PRO B 14 0.71 9.88 -36.56
N SER B 15 1.56 9.00 -36.03
CA SER B 15 3.02 9.00 -36.18
C SER B 15 3.68 10.26 -35.62
N GLU B 16 3.00 10.94 -34.70
CA GLU B 16 3.55 12.09 -33.99
C GLU B 16 3.57 11.81 -32.50
N THR B 17 3.95 12.82 -31.72
CA THR B 17 4.01 12.69 -30.27
C THR B 17 2.69 13.09 -29.63
N LEU B 18 2.49 12.62 -28.41
CA LEU B 18 1.33 12.95 -27.60
C LEU B 18 1.83 13.50 -26.28
N SER B 19 1.20 14.58 -25.80
CA SER B 19 1.58 15.21 -24.55
C SER B 19 0.33 15.42 -23.71
N LEU B 20 0.43 15.07 -22.43
CA LEU B 20 -0.64 15.31 -21.47
C LEU B 20 -0.01 15.88 -20.21
N THR B 21 -0.81 16.61 -19.43
CA THR B 21 -0.30 17.25 -18.23
C THR B 21 -1.40 17.26 -17.17
N CYS B 22 -1.10 16.68 -16.01
CA CYS B 22 -2.05 16.63 -14.90
C CYS B 22 -1.64 17.69 -13.88
N ALA B 23 -2.50 18.68 -13.68
CA ALA B 23 -2.20 19.81 -12.80
C ALA B 23 -2.77 19.50 -11.41
N VAL B 24 -1.91 19.06 -10.50
CA VAL B 24 -2.33 18.79 -9.13
C VAL B 24 -2.56 20.11 -8.41
N SER B 25 -3.73 20.23 -7.78
CA SER B 25 -4.06 21.43 -7.02
C SER B 25 -4.70 21.01 -5.70
N GLY B 26 -4.47 21.82 -4.67
CA GLY B 26 -4.97 21.52 -3.34
C GLY B 26 -4.09 20.58 -2.53
N GLY B 27 -2.99 20.10 -3.09
CA GLY B 27 -2.11 19.22 -2.37
C GLY B 27 -0.75 19.16 -3.03
N SER B 28 0.28 18.87 -2.24
CA SER B 28 1.64 18.83 -2.74
C SER B 28 1.88 17.54 -3.52
N ILE B 29 2.64 17.66 -4.62
CA ILE B 29 2.94 16.48 -5.43
C ILE B 29 3.99 15.61 -4.75
N SER B 30 4.80 16.18 -3.85
CA SER B 30 5.89 15.44 -3.22
C SER B 30 5.35 14.45 -2.19
N ARG B 31 6.20 13.45 -1.90
CA ARG B 31 5.96 12.38 -0.91
C ARG B 31 4.76 11.50 -1.25
N LYS B 32 4.32 11.47 -2.50
CA LYS B 32 3.20 10.67 -2.94
C LYS B 32 3.60 9.88 -4.17
N ASN B 33 2.67 9.07 -4.68
CA ASN B 33 2.87 8.30 -5.90
C ASN B 33 1.71 8.56 -6.84
N TRP B 34 2.02 8.76 -8.12
CA TRP B 34 1.05 9.21 -9.10
C TRP B 34 1.13 8.35 -10.35
N SER B 35 0.00 8.17 -11.03
CA SER B 35 -0.09 7.26 -12.15
C SER B 35 -0.94 7.86 -13.26
N TRP B 36 -0.75 7.33 -14.46
CA TRP B 36 -1.56 7.67 -15.62
C TRP B 36 -2.36 6.44 -16.04
N ILE B 37 -3.67 6.63 -16.22
CA ILE B 37 -4.61 5.54 -16.45
C ILE B 37 -5.43 5.85 -17.69
N ARG B 38 -5.46 4.91 -18.63
CA ARG B 38 -6.20 5.05 -19.87
C ARG B 38 -7.48 4.21 -19.83
N GLN B 39 -8.39 4.54 -20.74
CA GLN B 39 -9.60 3.76 -20.92
C GLN B 39 -10.09 3.87 -22.37
N PRO B 40 -9.91 2.82 -23.17
CA PRO B 40 -10.43 2.84 -24.54
C PRO B 40 -11.96 2.82 -24.55
N PRO B 41 -12.59 3.31 -25.62
CA PRO B 41 -14.07 3.33 -25.65
C PRO B 41 -14.64 1.92 -25.78
N GLY B 42 -15.56 1.60 -24.87
CA GLY B 42 -16.12 0.27 -24.83
C GLY B 42 -15.18 -0.80 -24.32
N LYS B 43 -14.15 -0.41 -23.56
CA LYS B 43 -13.18 -1.35 -23.01
C LYS B 43 -12.91 -0.98 -21.56
N GLY B 44 -12.25 -1.89 -20.85
CA GLY B 44 -11.92 -1.69 -19.46
C GLY B 44 -10.74 -0.76 -19.26
N LEU B 45 -10.42 -0.53 -17.99
CA LEU B 45 -9.32 0.36 -17.65
C LEU B 45 -7.98 -0.28 -17.96
N GLY B 46 -6.99 0.57 -18.25
CA GLY B 46 -5.63 0.13 -18.46
C GLY B 46 -4.66 0.98 -17.67
N TRP B 47 -3.42 0.51 -17.60
CA TRP B 47 -2.38 1.16 -16.81
C TRP B 47 -1.23 1.54 -17.72
N ILE B 48 -0.79 2.80 -17.62
CA ILE B 48 0.31 3.30 -18.43
C ILE B 48 1.62 3.19 -17.65
N GLY B 49 1.70 3.88 -16.52
CA GLY B 49 2.90 3.85 -15.71
C GLY B 49 2.72 4.72 -14.49
N ARG B 50 3.72 4.67 -13.61
CA ARG B 50 3.68 5.41 -12.37
C ARG B 50 4.99 6.15 -12.14
N ILE B 51 4.91 7.18 -11.31
CA ILE B 51 6.05 8.02 -10.92
C ILE B 51 5.92 8.35 -9.44
N SER B 52 7.07 8.46 -8.78
CA SER B 52 7.07 8.93 -7.40
C SER B 52 7.01 10.44 -7.36
N GLY B 53 6.47 10.97 -6.27
CA GLY B 53 6.42 12.41 -6.10
C GLY B 53 7.79 13.03 -5.87
N SER B 54 8.63 12.37 -5.08
CA SER B 54 9.98 12.83 -4.79
C SER B 54 10.97 11.73 -5.13
N GLY B 55 12.02 12.10 -5.86
CA GLY B 55 13.05 11.17 -6.24
C GLY B 55 12.94 10.63 -7.66
N GLY B 56 11.76 10.74 -8.27
CA GLY B 56 11.57 10.28 -9.64
C GLY B 56 11.66 8.77 -9.81
N SER B 57 11.19 8.00 -8.83
CA SER B 57 11.11 6.55 -8.98
C SER B 57 9.99 6.22 -9.96
N THR B 58 10.37 5.72 -11.13
CA THR B 58 9.50 5.68 -12.29
C THR B 58 9.44 4.28 -12.87
N ASP B 59 8.23 3.77 -13.06
CA ASP B 59 8.01 2.45 -13.65
C ASP B 59 6.91 2.54 -14.70
N TYR B 60 7.02 1.69 -15.72
CA TYR B 60 6.10 1.66 -16.85
C TYR B 60 5.41 0.31 -16.97
N ASN B 61 4.35 0.29 -17.77
CA ASN B 61 3.78 -0.96 -18.23
C ASN B 61 4.75 -1.61 -19.22
N PRO B 62 5.03 -2.92 -19.11
CA PRO B 62 5.95 -3.55 -20.06
C PRO B 62 5.46 -3.59 -21.50
N SER B 63 4.15 -3.49 -21.74
CA SER B 63 3.64 -3.51 -23.10
C SER B 63 3.80 -2.19 -23.82
N LEU B 64 4.11 -1.10 -23.11
CA LEU B 64 4.20 0.22 -23.71
C LEU B 64 5.46 0.97 -23.31
N LYS B 65 6.43 0.31 -22.66
CA LYS B 65 7.58 1.00 -22.08
C LYS B 65 8.55 1.52 -23.13
N SER B 66 8.47 1.02 -24.36
CA SER B 66 9.31 1.53 -25.44
C SER B 66 8.78 2.81 -26.05
N ARG B 67 7.59 3.26 -25.66
CA ARG B 67 6.97 4.44 -26.24
C ARG B 67 6.60 5.52 -25.24
N VAL B 68 6.74 5.27 -23.94
CA VAL B 68 6.23 6.19 -22.92
C VAL B 68 7.39 6.76 -22.12
N THR B 69 7.31 8.07 -21.85
CA THR B 69 8.15 8.75 -20.87
C THR B 69 7.25 9.58 -19.98
N ILE B 70 7.40 9.40 -18.67
CA ILE B 70 6.59 10.12 -17.68
C ILE B 70 7.52 10.95 -16.82
N SER B 71 7.19 12.22 -16.64
CA SER B 71 8.07 13.17 -15.97
C SER B 71 7.30 13.91 -14.87
N THR B 72 8.04 14.33 -13.85
CA THR B 72 7.49 15.07 -12.71
C THR B 72 8.13 16.44 -12.68
N ASP B 73 7.30 17.48 -12.57
CA ASP B 73 7.75 18.87 -12.54
C ASP B 73 7.22 19.52 -11.27
N THR B 74 7.96 19.37 -10.18
CA THR B 74 7.49 19.80 -8.87
C THR B 74 7.56 21.32 -8.68
N SER B 75 8.19 22.06 -9.59
CA SER B 75 8.21 23.51 -9.48
C SER B 75 6.84 24.10 -9.76
N LYS B 76 6.13 23.57 -10.74
CA LYS B 76 4.78 24.00 -11.05
C LYS B 76 3.72 23.18 -10.34
N ASN B 77 4.14 22.20 -9.52
CA ASN B 77 3.28 21.24 -8.81
C ASN B 77 2.38 20.50 -9.78
N GLN B 78 3.01 19.81 -10.73
CA GLN B 78 2.29 19.08 -11.76
C GLN B 78 3.19 17.98 -12.30
N PHE B 79 2.57 17.00 -12.97
CA PHE B 79 3.31 15.95 -13.63
C PHE B 79 2.71 15.73 -15.01
N SER B 80 3.51 15.19 -15.92
CA SER B 80 3.16 15.12 -17.32
C SER B 80 3.39 13.73 -17.88
N LEU B 81 2.73 13.45 -19.00
CA LEU B 81 2.83 12.17 -19.69
C LEU B 81 3.16 12.41 -21.15
N LYS B 82 4.11 11.66 -21.68
CA LYS B 82 4.51 11.78 -23.09
C LYS B 82 4.50 10.42 -23.75
N LEU B 83 3.97 10.36 -24.97
CA LEU B 83 4.03 9.17 -25.79
C LEU B 83 4.56 9.54 -27.17
N SER B 84 5.09 8.54 -27.87
CA SER B 84 5.64 8.74 -29.20
C SER B 84 5.12 7.65 -30.14
N SER B 85 4.94 8.04 -31.41
CA SER B 85 4.46 7.18 -32.50
C SER B 85 3.12 6.51 -32.16
N VAL B 86 2.14 7.36 -31.86
CA VAL B 86 0.80 6.88 -31.53
C VAL B 86 0.08 6.42 -32.79
N THR B 87 -0.66 5.34 -32.68
CA THR B 87 -1.42 4.79 -33.79
C THR B 87 -2.91 5.14 -33.61
N ALA B 88 -3.75 4.61 -34.50
CA ALA B 88 -5.18 4.86 -34.43
C ALA B 88 -5.87 4.07 -33.33
N ALA B 89 -5.22 3.03 -32.80
CA ALA B 89 -5.79 2.22 -31.73
C ALA B 89 -5.53 2.82 -30.36
N ASP B 90 -4.86 3.96 -30.26
CA ASP B 90 -4.53 4.58 -28.99
C ASP B 90 -5.57 5.59 -28.54
N THR B 91 -6.72 5.66 -29.21
CA THR B 91 -7.79 6.57 -28.81
C THR B 91 -8.40 6.07 -27.51
N ALA B 92 -8.34 6.91 -26.47
CA ALA B 92 -8.79 6.50 -25.15
C ALA B 92 -9.06 7.74 -24.31
N VAL B 93 -9.70 7.53 -23.16
CA VAL B 93 -9.89 8.56 -22.16
C VAL B 93 -8.78 8.38 -21.12
N TYR B 94 -8.00 9.43 -20.90
CA TYR B 94 -6.83 9.36 -20.04
C TYR B 94 -7.13 10.04 -18.71
N TYR B 95 -6.94 9.30 -17.62
CA TYR B 95 -7.07 9.82 -16.28
C TYR B 95 -5.71 9.87 -15.61
N CYS B 96 -5.48 10.90 -14.79
CA CYS B 96 -4.35 10.91 -13.88
C CYS B 96 -4.87 10.63 -12.48
N ALA B 97 -4.09 9.87 -11.71
CA ALA B 97 -4.57 9.41 -10.42
C ALA B 97 -3.44 9.45 -9.40
N ARG B 98 -3.84 9.47 -8.13
CA ARG B 98 -2.93 9.40 -7.00
C ARG B 98 -3.02 8.01 -6.38
N VAL B 99 -1.87 7.39 -6.13
CA VAL B 99 -1.83 6.15 -5.36
C VAL B 99 -2.19 6.48 -3.93
N ALA B 100 -3.11 5.70 -3.34
CA ALA B 100 -3.85 6.07 -2.15
C ALA B 100 -2.94 6.21 -0.92
N TYR B 101 -3.42 6.99 0.03
CA TYR B 101 -2.67 7.33 1.23
C TYR B 101 -3.66 7.81 2.27
N TYR B 102 -3.70 7.16 3.43
CA TYR B 102 -4.70 7.43 4.45
C TYR B 102 -4.00 7.88 5.73
N GLU B 103 -4.11 9.17 6.03
CA GLU B 103 -3.58 9.74 7.26
C GLU B 103 -4.71 9.87 8.27
N ASP B 104 -4.49 9.31 9.45
CA ASP B 104 -5.42 9.36 10.56
C ASP B 104 -4.77 10.25 11.62
N ASP B 105 -5.46 10.47 12.75
CA ASP B 105 -4.83 11.12 13.88
C ASP B 105 -3.71 10.24 14.42
N TYR B 106 -3.94 8.93 14.47
CA TYR B 106 -2.93 7.97 14.92
C TYR B 106 -2.15 7.44 13.70
N GLY B 107 -1.32 8.30 13.16
CA GLY B 107 -0.39 7.90 12.11
C GLY B 107 -1.04 7.74 10.75
N TYR B 108 -0.24 7.24 9.81
CA TYR B 108 -0.62 7.13 8.41
C TYR B 108 -0.26 5.76 7.85
N TYR B 109 -0.56 5.56 6.57
CA TYR B 109 -0.32 4.29 5.89
C TYR B 109 -0.36 4.55 4.39
N TYR B 110 0.64 4.06 3.67
CA TYR B 110 0.73 4.23 2.22
C TYR B 110 0.23 2.96 1.55
N THR B 111 -0.77 3.10 0.68
CA THR B 111 -1.28 1.96 -0.07
C THR B 111 -0.33 1.68 -1.24
N GLU B 112 -0.25 0.40 -1.62
CA GLU B 112 0.71 -0.06 -2.62
C GLU B 112 0.18 0.02 -4.05
N GLY B 113 -0.81 0.87 -4.32
CA GLY B 113 -1.30 0.95 -5.69
C GLY B 113 -2.78 1.17 -5.92
N ALA B 114 -3.57 1.30 -4.86
CA ALA B 114 -4.96 1.69 -5.03
C ALA B 114 -5.03 3.19 -5.35
N PHE B 115 -5.98 3.57 -6.21
CA PHE B 115 -6.12 4.94 -6.68
C PHE B 115 -7.35 5.57 -6.04
N ASP B 116 -7.13 6.51 -5.13
CA ASP B 116 -8.27 7.14 -4.47
C ASP B 116 -8.74 8.40 -5.20
N PHE B 117 -7.83 9.31 -5.52
CA PHE B 117 -8.16 10.55 -6.20
C PHE B 117 -7.90 10.39 -7.69
N TRP B 118 -8.87 10.78 -8.50
CA TRP B 118 -8.79 10.64 -9.95
C TRP B 118 -9.03 11.98 -10.60
N GLY B 119 -8.70 12.05 -11.90
CA GLY B 119 -8.97 13.24 -12.68
C GLY B 119 -10.34 13.19 -13.35
N GLN B 120 -10.62 14.25 -14.11
CA GLN B 120 -11.90 14.34 -14.80
C GLN B 120 -11.96 13.45 -16.05
N GLY B 121 -10.84 13.26 -16.72
CA GLY B 121 -10.83 12.47 -17.94
C GLY B 121 -10.79 13.33 -19.18
N LEU B 122 -9.69 13.26 -19.93
CA LEU B 122 -9.52 14.04 -21.15
C LEU B 122 -9.54 13.06 -22.33
N ARG B 123 -10.51 13.25 -23.22
CA ARG B 123 -10.72 12.32 -24.32
C ARG B 123 -9.79 12.67 -25.48
N VAL B 124 -8.85 11.78 -25.78
CA VAL B 124 -7.89 11.97 -26.86
C VAL B 124 -8.37 11.20 -28.08
N THR B 125 -8.46 11.89 -29.21
CA THR B 125 -8.83 11.28 -30.48
C THR B 125 -7.65 11.31 -31.43
N VAL B 126 -7.46 10.24 -32.19
CA VAL B 126 -6.37 10.12 -33.14
C VAL B 126 -6.97 9.84 -34.51
N SER B 127 -6.70 10.72 -35.47
CA SER B 127 -7.15 10.53 -36.84
C SER B 127 -6.22 11.28 -37.77
N SER B 128 -6.11 10.78 -38.99
CA SER B 128 -5.24 11.38 -39.99
C SER B 128 -5.90 12.63 -40.59
N GLU C 1 1.64 -12.35 -17.05
CA GLU C 1 0.79 -11.28 -16.57
C GLU C 1 -0.40 -11.84 -15.81
N ILE C 2 -0.71 -11.24 -14.66
CA ILE C 2 -1.81 -11.68 -13.82
C ILE C 2 -3.11 -11.20 -14.44
N VAL C 3 -3.78 -12.07 -15.19
CA VAL C 3 -5.07 -11.72 -15.77
C VAL C 3 -6.13 -11.77 -14.67
N MET C 4 -7.11 -10.87 -14.77
CA MET C 4 -8.16 -10.72 -13.76
C MET C 4 -9.50 -10.99 -14.42
N THR C 5 -10.13 -12.08 -14.05
CA THR C 5 -11.38 -12.51 -14.67
C THR C 5 -12.52 -12.36 -13.67
N GLN C 6 -13.54 -11.59 -14.05
CA GLN C 6 -14.76 -11.46 -13.26
C GLN C 6 -15.83 -12.31 -13.92
N SER C 7 -16.40 -13.24 -13.15
CA SER C 7 -17.27 -14.28 -13.72
C SER C 7 -18.67 -13.78 -14.11
N PRO C 8 -19.43 -12.99 -13.28
CA PRO C 8 -20.71 -12.49 -13.81
C PRO C 8 -20.50 -11.37 -14.82
N ALA C 9 -20.86 -11.63 -16.08
CA ALA C 9 -20.72 -10.61 -17.12
C ALA C 9 -21.75 -9.51 -16.95
N THR C 10 -22.99 -9.87 -16.63
CA THR C 10 -24.06 -8.91 -16.42
C THR C 10 -24.92 -9.41 -15.27
N LEU C 11 -25.05 -8.62 -14.22
CA LEU C 11 -25.77 -9.02 -13.01
C LEU C 11 -27.20 -8.48 -13.09
N SER C 12 -28.12 -9.32 -13.55
CA SER C 12 -29.53 -8.98 -13.53
C SER C 12 -30.05 -9.06 -12.10
N LEU C 13 -30.54 -7.94 -11.57
CA LEU C 13 -30.84 -7.86 -10.16
C LEU C 13 -31.93 -6.81 -9.95
N SER C 14 -32.65 -6.94 -8.82
CA SER C 14 -33.74 -6.08 -8.37
C SER C 14 -33.24 -5.14 -7.27
N PRO C 15 -33.83 -3.93 -7.15
CA PRO C 15 -33.38 -3.00 -6.11
C PRO C 15 -33.70 -3.48 -4.71
N GLY C 16 -32.84 -3.07 -3.77
CA GLY C 16 -33.01 -3.43 -2.38
C GLY C 16 -32.59 -4.83 -2.01
N GLU C 17 -32.02 -5.60 -2.94
CA GLU C 17 -31.70 -6.99 -2.71
C GLU C 17 -30.21 -7.16 -2.40
N ARG C 18 -29.84 -8.40 -2.12
CA ARG C 18 -28.43 -8.75 -1.93
C ARG C 18 -27.71 -8.77 -3.28
N ALA C 19 -26.46 -8.34 -3.27
CA ALA C 19 -25.63 -8.35 -4.47
C ALA C 19 -24.32 -9.05 -4.16
N THR C 20 -23.84 -9.84 -5.12
CA THR C 20 -22.55 -10.51 -4.99
C THR C 20 -21.82 -10.46 -6.32
N LEU C 21 -20.49 -10.37 -6.23
CA LEU C 21 -19.62 -10.27 -7.40
C LEU C 21 -18.39 -11.12 -7.13
N SER C 22 -17.67 -11.46 -8.19
CA SER C 22 -16.51 -12.32 -8.06
C SER C 22 -15.34 -11.80 -8.88
N CYS C 23 -14.13 -12.07 -8.39
CA CYS C 23 -12.89 -11.74 -9.07
C CYS C 23 -11.91 -12.88 -8.84
N ARG C 24 -11.43 -13.48 -9.92
CA ARG C 24 -10.51 -14.61 -9.85
C ARG C 24 -9.26 -14.30 -10.65
N THR C 25 -8.10 -14.53 -10.04
CA THR C 25 -6.82 -14.19 -10.62
C THR C 25 -6.14 -15.43 -11.18
N SER C 26 -5.15 -15.20 -12.05
CA SER C 26 -4.40 -16.32 -12.61
C SER C 26 -3.45 -16.92 -11.57
N GLN C 27 -2.76 -16.08 -10.81
CA GLN C 27 -1.90 -16.53 -9.73
C GLN C 27 -2.19 -15.69 -8.49
N SER C 28 -1.53 -16.03 -7.38
CA SER C 28 -1.83 -15.40 -6.10
C SER C 28 -1.34 -13.96 -6.07
N VAL C 29 -2.20 -13.06 -5.59
CA VAL C 29 -1.86 -11.66 -5.43
C VAL C 29 -1.78 -11.23 -3.97
N SER C 30 -2.16 -12.12 -3.04
CA SER C 30 -1.98 -11.94 -1.59
C SER C 30 -2.72 -10.72 -1.05
N SER C 31 -4.03 -10.69 -1.33
CA SER C 31 -4.99 -9.71 -0.81
C SER C 31 -4.65 -8.26 -1.19
N TYR C 32 -3.97 -8.07 -2.32
CA TYR C 32 -3.72 -6.74 -2.86
C TYR C 32 -4.69 -6.51 -4.01
N VAL C 33 -5.95 -6.26 -3.66
CA VAL C 33 -7.03 -6.10 -4.64
C VAL C 33 -7.85 -4.87 -4.27
N ALA C 34 -8.12 -4.02 -5.26
CA ALA C 34 -8.97 -2.86 -5.10
C ALA C 34 -10.21 -2.98 -5.98
N TRP C 35 -11.30 -2.38 -5.52
CA TRP C 35 -12.59 -2.41 -6.21
C TRP C 35 -13.04 -1.00 -6.55
N TYR C 36 -13.55 -0.82 -7.77
CA TYR C 36 -13.94 0.49 -8.27
C TYR C 36 -15.37 0.46 -8.77
N GLN C 37 -15.99 1.64 -8.84
CA GLN C 37 -17.33 1.81 -9.39
C GLN C 37 -17.29 2.93 -10.42
N GLN C 38 -17.84 2.66 -11.61
CA GLN C 38 -17.81 3.62 -12.71
C GLN C 38 -19.21 3.84 -13.24
N LYS C 39 -19.75 5.03 -13.00
CA LYS C 39 -20.96 5.47 -13.69
C LYS C 39 -20.65 5.66 -15.17
N PRO C 40 -21.63 5.47 -16.06
CA PRO C 40 -21.36 5.61 -17.50
C PRO C 40 -20.97 7.04 -17.87
N GLU C 41 -19.83 7.15 -18.56
CA GLU C 41 -19.20 8.42 -18.95
C GLU C 41 -18.92 9.31 -17.74
N GLN C 42 -18.43 8.71 -16.65
CA GLN C 42 -18.05 9.45 -15.46
C GLN C 42 -16.78 8.86 -14.87
N THR C 43 -16.29 9.52 -13.83
CA THR C 43 -15.02 9.20 -13.19
C THR C 43 -15.18 7.97 -12.30
N PRO C 44 -14.28 6.98 -12.40
CA PRO C 44 -14.32 5.84 -11.47
C PRO C 44 -14.00 6.27 -10.04
N ARG C 45 -14.60 5.55 -9.09
CA ARG C 45 -14.48 5.86 -7.67
C ARG C 45 -14.00 4.63 -6.92
N LEU C 46 -12.98 4.80 -6.09
CA LEU C 46 -12.46 3.70 -5.30
C LEU C 46 -13.40 3.35 -4.15
N LEU C 47 -13.79 2.08 -4.06
CA LEU C 47 -14.62 1.60 -2.96
C LEU C 47 -13.79 0.87 -1.91
N ILE C 48 -13.07 -0.17 -2.32
CA ILE C 48 -12.33 -1.05 -1.42
C ILE C 48 -10.86 -0.97 -1.75
N TYR C 49 -10.02 -0.88 -0.72
CA TYR C 49 -8.59 -1.04 -0.87
C TYR C 49 -8.12 -2.15 0.04
N ASP C 50 -7.07 -2.87 -0.40
CA ASP C 50 -6.49 -4.03 0.30
C ASP C 50 -7.51 -5.15 0.52
N ALA C 51 -8.52 -5.21 -0.35
CA ALA C 51 -9.53 -6.27 -0.46
C ALA C 51 -10.42 -6.46 0.77
N SER C 52 -10.23 -5.71 1.85
CA SER C 52 -11.15 -5.83 2.98
C SER C 52 -11.42 -4.51 3.67
N SER C 53 -10.89 -3.41 3.15
CA SER C 53 -10.98 -2.11 3.81
C SER C 53 -11.72 -1.12 2.94
N ARG C 54 -12.73 -0.46 3.51
CA ARG C 54 -13.50 0.53 2.79
C ARG C 54 -12.73 1.83 2.67
N ALA C 55 -12.87 2.51 1.54
CA ALA C 55 -12.24 3.79 1.33
C ALA C 55 -12.94 4.88 2.12
N THR C 56 -12.35 6.06 2.14
CA THR C 56 -12.88 7.19 2.89
C THR C 56 -14.16 7.71 2.23
N GLY C 57 -15.22 7.83 3.04
CA GLY C 57 -16.50 8.31 2.55
C GLY C 57 -17.23 7.32 1.67
N ILE C 58 -17.26 6.06 2.10
CA ILE C 58 -17.97 5.00 1.40
C ILE C 58 -19.11 4.54 2.29
N PRO C 59 -20.33 4.37 1.75
CA PRO C 59 -21.44 3.82 2.54
C PRO C 59 -21.13 2.43 3.10
N ASP C 60 -21.70 2.15 4.27
CA ASP C 60 -21.40 0.95 5.04
C ASP C 60 -21.87 -0.34 4.37
N ARG C 61 -22.80 -0.25 3.41
CA ARG C 61 -23.30 -1.44 2.74
C ARG C 61 -22.31 -2.07 1.78
N PHE C 62 -21.22 -1.38 1.44
CA PHE C 62 -20.19 -1.94 0.59
C PHE C 62 -19.21 -2.73 1.45
N SER C 63 -18.90 -3.95 1.02
CA SER C 63 -18.01 -4.82 1.76
C SER C 63 -17.27 -5.74 0.80
N GLY C 64 -15.97 -5.89 1.00
CA GLY C 64 -15.18 -6.78 0.20
C GLY C 64 -14.40 -7.74 1.09
N GLY C 65 -14.06 -8.89 0.51
CA GLY C 65 -13.35 -9.89 1.28
C GLY C 65 -12.74 -10.94 0.38
N GLY C 66 -11.83 -11.73 0.96
CA GLY C 66 -11.17 -12.80 0.27
C GLY C 66 -9.66 -12.68 0.36
N SER C 67 -9.01 -13.73 -0.11
CA SER C 67 -7.54 -13.77 -0.19
C SER C 67 -7.15 -14.79 -1.25
N GLY C 68 -5.88 -14.73 -1.66
CA GLY C 68 -5.37 -15.66 -2.63
C GLY C 68 -5.86 -15.39 -4.04
N THR C 69 -6.72 -16.27 -4.55
CA THR C 69 -7.24 -16.14 -5.91
C THR C 69 -8.75 -15.96 -5.94
N ASP C 70 -9.41 -15.79 -4.80
CA ASP C 70 -10.86 -15.61 -4.74
C ASP C 70 -11.15 -14.30 -4.02
N PHE C 71 -11.76 -13.35 -4.74
CA PHE C 71 -12.12 -12.05 -4.18
C PHE C 71 -13.56 -11.74 -4.54
N THR C 72 -14.33 -11.29 -3.55
CA THR C 72 -15.75 -11.02 -3.72
C THR C 72 -16.09 -9.63 -3.22
N LEU C 73 -17.05 -8.99 -3.90
CA LEU C 73 -17.62 -7.71 -3.48
C LEU C 73 -19.11 -7.90 -3.28
N THR C 74 -19.61 -7.50 -2.11
CA THR C 74 -21.00 -7.70 -1.73
C THR C 74 -21.65 -6.37 -1.36
N ILE C 75 -22.81 -6.10 -1.93
CA ILE C 75 -23.62 -4.93 -1.60
C ILE C 75 -24.88 -5.43 -0.92
N SER C 76 -25.12 -4.96 0.31
CA SER C 76 -26.22 -5.48 1.11
C SER C 76 -27.58 -4.97 0.61
N SER C 77 -27.68 -3.67 0.34
CA SER C 77 -28.95 -3.08 -0.08
C SER C 77 -28.66 -2.08 -1.19
N LEU C 78 -29.27 -2.30 -2.35
CA LEU C 78 -29.05 -1.42 -3.48
C LEU C 78 -29.80 -0.10 -3.29
N GLU C 79 -29.47 0.85 -4.16
CA GLU C 79 -30.11 2.14 -4.28
C GLU C 79 -30.47 2.34 -5.73
N PRO C 80 -31.21 3.41 -6.07
CA PRO C 80 -31.31 3.79 -7.49
C PRO C 80 -30.07 4.45 -8.08
N GLU C 81 -28.98 4.50 -7.31
CA GLU C 81 -27.71 5.06 -7.75
C GLU C 81 -26.71 4.00 -8.19
N ASP C 82 -26.79 2.79 -7.65
CA ASP C 82 -25.69 1.84 -7.69
C ASP C 82 -25.88 0.74 -8.72
N PHE C 83 -26.44 1.04 -9.89
CA PHE C 83 -26.35 0.14 -11.03
C PHE C 83 -25.31 0.75 -11.98
N ALA C 84 -24.11 0.17 -11.96
CA ALA C 84 -22.96 0.72 -12.68
C ALA C 84 -22.04 -0.43 -13.05
N VAL C 85 -20.82 -0.09 -13.45
CA VAL C 85 -19.79 -1.06 -13.82
C VAL C 85 -18.76 -1.12 -12.70
N TYR C 86 -18.38 -2.35 -12.32
CA TYR C 86 -17.46 -2.57 -11.22
C TYR C 86 -16.19 -3.23 -11.73
N TYR C 87 -15.04 -2.73 -11.28
CA TYR C 87 -13.74 -3.18 -11.75
C TYR C 87 -12.91 -3.75 -10.61
N CYS C 88 -12.06 -4.72 -10.95
CA CYS C 88 -11.21 -5.40 -9.98
C CYS C 88 -9.75 -5.27 -10.41
N GLN C 89 -8.89 -4.95 -9.45
CA GLN C 89 -7.50 -4.61 -9.71
C GLN C 89 -6.58 -5.51 -8.91
N GLN C 90 -5.34 -5.67 -9.37
CA GLN C 90 -4.26 -6.23 -8.56
C GLN C 90 -3.07 -5.29 -8.59
N TYR C 91 -2.28 -5.30 -7.53
CA TYR C 91 -1.01 -4.58 -7.56
C TYR C 91 0.09 -5.34 -6.83
N SER C 92 0.03 -6.68 -6.84
CA SER C 92 1.13 -7.47 -6.29
C SER C 92 2.33 -7.51 -7.24
N ASN C 93 2.09 -7.68 -8.53
CA ASN C 93 3.15 -7.67 -9.52
C ASN C 93 3.00 -6.45 -10.42
N TRP C 94 4.14 -6.01 -10.96
CA TRP C 94 4.29 -4.66 -11.52
C TRP C 94 3.45 -4.32 -12.75
N PRO C 95 3.13 -5.25 -13.69
CA PRO C 95 2.06 -4.92 -14.64
C PRO C 95 0.69 -4.93 -13.97
N TRP C 96 0.32 -3.82 -13.34
CA TRP C 96 -0.94 -3.70 -12.63
C TRP C 96 -2.11 -3.86 -13.60
N THR C 97 -2.97 -4.84 -13.33
CA THR C 97 -4.00 -5.26 -14.27
C THR C 97 -5.37 -5.00 -13.68
N PHE C 98 -6.24 -4.40 -14.46
CA PHE C 98 -7.63 -4.21 -14.09
C PHE C 98 -8.49 -5.34 -14.65
N GLY C 99 -9.73 -5.42 -14.17
CA GLY C 99 -10.65 -6.41 -14.67
C GLY C 99 -11.39 -5.95 -15.92
N GLN C 100 -12.08 -6.88 -16.56
CA GLN C 100 -12.86 -6.55 -17.74
C GLN C 100 -14.14 -5.81 -17.38
N GLY C 101 -14.64 -6.00 -16.17
CA GLY C 101 -15.78 -5.24 -15.71
C GLY C 101 -17.02 -6.10 -15.57
N THR C 102 -17.84 -5.77 -14.58
CA THR C 102 -19.11 -6.44 -14.34
C THR C 102 -20.20 -5.39 -14.14
N LYS C 103 -21.34 -5.60 -14.79
CA LYS C 103 -22.41 -4.62 -14.83
C LYS C 103 -23.60 -5.08 -14.00
N VAL C 104 -24.08 -4.20 -13.13
CA VAL C 104 -25.30 -4.45 -12.36
C VAL C 104 -26.48 -3.93 -13.17
N GLU C 105 -27.34 -4.83 -13.62
CA GLU C 105 -28.45 -4.49 -14.49
C GLU C 105 -29.76 -4.61 -13.71
N ILE C 106 -30.61 -3.60 -13.81
CA ILE C 106 -31.84 -3.55 -13.05
C ILE C 106 -32.90 -4.44 -13.71
N LYS C 107 -33.49 -5.34 -12.92
CA LYS C 107 -34.57 -6.20 -13.38
C LYS C 107 -35.85 -5.40 -13.63
C1 NAG D . 19.28 6.83 7.51
C2 NAG D . 18.90 8.05 8.35
C3 NAG D . 18.29 9.14 7.47
C4 NAG D . 19.20 9.48 6.31
C5 NAG D . 19.55 8.20 5.54
C6 NAG D . 20.57 8.42 4.43
C7 NAG D . 18.02 8.23 10.65
C8 NAG D . 17.00 7.74 11.62
N2 NAG D . 17.99 7.68 9.42
O3 NAG D . 18.03 10.30 8.26
O4 NAG D . 18.56 10.39 5.43
O5 NAG D . 20.12 7.24 6.43
O6 NAG D . 21.86 8.68 4.97
O7 NAG D . 18.86 9.08 10.95
C1 NAG D . 19.20 11.69 5.48
C2 NAG D . 18.59 12.59 4.40
C3 NAG D . 19.22 13.97 4.44
C4 NAG D . 19.13 14.57 5.85
C5 NAG D . 19.72 13.60 6.87
C6 NAG D . 19.55 14.07 8.30
C7 NAG D . 17.75 11.35 2.45
C8 NAG D . 18.07 10.81 1.10
N2 NAG D . 18.73 11.99 3.08
O3 NAG D . 18.55 14.83 3.51
O4 NAG D . 19.83 15.80 5.90
O5 NAG D . 19.07 12.32 6.77
O6 NAG D . 19.97 15.42 8.46
O7 NAG D . 16.64 11.20 2.97
#